data_3VB7
#
_entry.id   3VB7
#
_cell.length_a   52.317
_cell.length_b   96.492
_cell.length_c   67.644
_cell.angle_alpha   90.00
_cell.angle_beta   103.30
_cell.angle_gamma   90.00
#
_symmetry.space_group_name_H-M   'P 1 21 1'
#
loop_
_entity.id
_entity.type
_entity.pdbx_description
1 polymer '3C-like proteinase'
2 polymer 'M4Z inhibitor'
3 non-polymer 1,2-ETHANEDIOL
4 non-polymer GLYCEROL
5 water water
#
loop_
_entity_poly.entity_id
_entity_poly.type
_entity_poly.pdbx_seq_one_letter_code
_entity_poly.pdbx_strand_id
1 'polypeptide(L)'
;SGFRKMAFPSGKVEGCMVQVTCGTTTLNGLWLDDTVYCPRHVICTAEDMLNPNYEDLLIRKSNHSFLVQAGNVQLRVIGH
SMQNCLLRLKVDTSNPKTPKYKFVRIQPGQTFSVLACYNGSPSGVYQCAMRPNHTIKGSFLNGSCGSVGFNIDYDCVSFC
YMHHMELPTGVHAGTDLEGKFYGPFVDRQTAQAAGTDTTITLNVLAWLYAAVINGDRWFLNRFTTTLNDFNLVAMKYNYE
PLTQDHVDILGPLSAQTGIAVLDMCAALKELLQNGMNGRTILGSTILEDEFTPFDVVRQCSGVTFQ
;
A,B
2 'polypeptide(L)' (02J)AVL(0JU) E,F
#
# COMPACT_ATOMS: atom_id res chain seq x y z
N SER A 1 -8.01 -0.14 15.42
CA SER A 1 -8.95 0.68 14.69
C SER A 1 -8.30 1.25 13.43
N GLY A 2 -9.13 1.82 12.56
CA GLY A 2 -8.66 2.44 11.32
C GLY A 2 -8.82 1.46 10.18
N PHE A 3 -8.74 1.94 8.96
CA PHE A 3 -8.88 1.05 7.82
C PHE A 3 -8.14 1.59 6.59
N ARG A 4 -7.17 0.81 6.13
CA ARG A 4 -6.25 1.22 5.06
C ARG A 4 -6.23 0.22 3.91
N LYS A 5 -6.03 0.72 2.69
CA LYS A 5 -5.76 -0.16 1.56
C LYS A 5 -4.36 -0.75 1.80
N MET A 6 -4.33 -1.94 2.38
CA MET A 6 -3.10 -2.54 2.86
C MET A 6 -2.61 -3.62 1.89
N ALA A 7 -1.31 -3.63 1.59
CA ALA A 7 -0.71 -4.68 0.76
C ALA A 7 0.00 -5.70 1.65
N PHE A 8 0.31 -6.87 1.11
CA PHE A 8 1.12 -7.85 1.86
C PHE A 8 2.56 -7.36 1.90
N PRO A 9 3.31 -7.72 2.96
CA PRO A 9 4.73 -7.35 2.98
C PRO A 9 5.42 -7.99 1.76
N SER A 10 6.23 -7.22 1.05
CA SER A 10 6.71 -7.63 -0.27
C SER A 10 8.07 -8.33 -0.28
N GLY A 11 8.71 -8.43 0.88
CA GLY A 11 10.05 -9.00 0.99
C GLY A 11 10.23 -10.36 0.35
N LYS A 12 9.30 -11.28 0.56
CA LYS A 12 9.46 -12.62 -0.01
C LYS A 12 9.49 -12.59 -1.53
N VAL A 13 8.86 -11.56 -2.11
CA VAL A 13 8.80 -11.42 -3.57
C VAL A 13 10.01 -10.65 -4.08
N GLU A 14 10.44 -9.64 -3.31
CA GLU A 14 11.61 -8.85 -3.68
C GLU A 14 12.82 -9.74 -3.96
N GLY A 15 13.01 -10.76 -3.13
CA GLY A 15 14.14 -11.65 -3.28
C GLY A 15 14.03 -12.61 -4.46
N CYS A 16 12.97 -12.45 -5.26
CA CYS A 16 12.78 -13.27 -6.45
C CYS A 16 12.88 -12.49 -7.74
N MET A 17 12.99 -11.17 -7.64
CA MET A 17 12.97 -10.33 -8.84
C MET A 17 14.32 -10.27 -9.56
N VAL A 18 14.26 -10.48 -10.87
CA VAL A 18 15.42 -10.32 -11.71
C VAL A 18 15.09 -9.52 -12.97
N GLN A 19 16.11 -9.34 -13.80
CA GLN A 19 16.02 -8.57 -15.02
C GLN A 19 16.24 -9.55 -16.16
N VAL A 20 15.44 -9.44 -17.22
CA VAL A 20 15.63 -10.29 -18.39
C VAL A 20 15.73 -9.45 -19.64
N THR A 21 16.81 -9.64 -20.41
CA THR A 21 17.05 -8.83 -21.58
C THR A 21 17.22 -9.68 -22.84
N CYS A 22 16.59 -9.24 -23.91
CA CYS A 22 16.72 -9.86 -25.21
C CYS A 22 16.95 -8.74 -26.16
N GLY A 23 18.17 -8.66 -26.69
CA GLY A 23 18.56 -7.57 -27.55
C GLY A 23 18.42 -6.25 -26.85
N THR A 24 17.48 -5.44 -27.32
CA THR A 24 17.29 -4.10 -26.80
C THR A 24 16.08 -4.00 -25.85
N THR A 25 15.43 -5.14 -25.61
CA THR A 25 14.26 -5.20 -24.72
C THR A 25 14.61 -5.73 -23.33
N THR A 26 14.36 -4.93 -22.30
CA THR A 26 14.48 -5.41 -20.92
C THR A 26 13.16 -5.34 -20.17
N LEU A 27 12.86 -6.39 -19.41
CA LEU A 27 11.73 -6.37 -18.50
C LEU A 27 12.03 -7.24 -17.28
N ASN A 28 11.04 -7.39 -16.41
CA ASN A 28 11.26 -8.11 -15.16
C ASN A 28 10.96 -9.58 -15.30
N GLY A 29 11.67 -10.40 -14.52
CA GLY A 29 11.40 -11.83 -14.47
C GLY A 29 11.26 -12.26 -13.03
N LEU A 30 10.64 -13.41 -12.80
CA LEU A 30 10.48 -13.96 -11.46
C LEU A 30 11.33 -15.22 -11.35
N TRP A 31 12.25 -15.22 -10.39
CA TRP A 31 13.27 -16.26 -10.28
C TRP A 31 12.95 -17.15 -9.08
N LEU A 32 12.50 -18.38 -9.37
CA LEU A 32 12.17 -19.34 -8.31
C LEU A 32 12.99 -20.61 -8.50
N ASP A 33 13.68 -21.05 -7.45
CA ASP A 33 14.58 -22.18 -7.58
C ASP A 33 15.51 -21.96 -8.77
N ASP A 34 15.45 -22.83 -9.77
CA ASP A 34 16.37 -22.72 -10.90
C ASP A 34 15.70 -22.20 -12.18
N THR A 35 14.54 -21.56 -12.05
CA THR A 35 13.79 -21.09 -13.22
C THR A 35 13.40 -19.62 -13.13
N VAL A 36 13.44 -18.95 -14.28
CA VAL A 36 13.00 -17.56 -14.36
C VAL A 36 11.79 -17.49 -15.27
N TYR A 37 10.71 -16.89 -14.76
CA TYR A 37 9.50 -16.68 -15.54
C TYR A 37 9.40 -15.22 -15.95
N CYS A 38 9.07 -14.96 -17.23
CA CYS A 38 8.85 -13.59 -17.70
C CYS A 38 7.90 -13.59 -18.89
N PRO A 39 7.36 -12.42 -19.24
CA PRO A 39 6.46 -12.34 -20.38
C PRO A 39 7.20 -12.73 -21.69
N ARG A 40 6.56 -13.51 -22.55
CA ARG A 40 7.24 -13.94 -23.77
C ARG A 40 7.52 -12.79 -24.74
N HIS A 41 6.82 -11.68 -24.58
CA HIS A 41 7.00 -10.57 -25.50
C HIS A 41 8.33 -9.85 -25.33
N VAL A 42 9.14 -10.35 -24.39
CA VAL A 42 10.50 -9.87 -24.25
C VAL A 42 11.29 -10.19 -25.54
N ILE A 43 10.83 -11.19 -26.29
CA ILE A 43 11.55 -11.58 -27.50
C ILE A 43 11.11 -10.81 -28.74
N CYS A 44 10.20 -9.87 -28.60
CA CYS A 44 9.62 -9.19 -29.75
C CYS A 44 10.36 -7.93 -30.21
N THR A 45 10.51 -7.80 -31.52
CA THR A 45 11.09 -6.61 -32.15
C THR A 45 10.09 -5.46 -32.09
N ALA A 46 10.58 -4.24 -32.31
CA ALA A 46 9.71 -3.07 -32.35
C ALA A 46 8.60 -3.25 -33.37
N GLU A 47 8.88 -2.97 -34.64
CA GLU A 47 7.91 -3.21 -35.70
C GLU A 47 7.79 -4.70 -35.94
N ASP A 48 7.02 -5.34 -35.07
CA ASP A 48 7.04 -6.79 -34.93
C ASP A 48 6.00 -7.16 -33.88
N MET A 49 5.74 -6.20 -32.99
CA MET A 49 4.76 -6.41 -31.94
C MET A 49 3.33 -6.23 -32.46
N LEU A 50 3.22 -5.91 -33.75
CA LEU A 50 1.92 -5.70 -34.37
C LEU A 50 1.19 -7.02 -34.60
N ASN A 51 1.94 -8.04 -35.02
CA ASN A 51 1.36 -9.32 -35.36
C ASN A 51 2.42 -10.41 -35.21
N PRO A 52 2.87 -10.65 -33.97
CA PRO A 52 3.99 -11.56 -33.70
C PRO A 52 3.60 -13.02 -33.84
N ASN A 53 4.50 -13.84 -34.38
CA ASN A 53 4.32 -15.27 -34.22
C ASN A 53 5.41 -15.79 -33.27
N TYR A 54 5.00 -16.09 -32.05
CA TYR A 54 5.94 -16.41 -30.99
C TYR A 54 6.68 -17.73 -31.19
N GLU A 55 5.99 -18.73 -31.73
CA GLU A 55 6.64 -19.99 -32.08
C GLU A 55 7.81 -19.70 -32.99
N ASP A 56 7.57 -18.83 -33.95
CA ASP A 56 8.54 -18.47 -34.96
C ASP A 56 9.68 -17.63 -34.39
N LEU A 57 9.34 -16.68 -33.52
CA LEU A 57 10.37 -15.85 -32.91
C LEU A 57 11.24 -16.63 -31.95
N LEU A 58 10.63 -17.53 -31.20
CA LEU A 58 11.38 -18.28 -30.19
C LEU A 58 12.37 -19.30 -30.80
N ILE A 59 11.98 -19.95 -31.89
CA ILE A 59 12.86 -20.97 -32.46
C ILE A 59 14.18 -20.36 -32.95
N ARG A 60 14.15 -19.07 -33.22
CA ARG A 60 15.32 -18.31 -33.66
C ARG A 60 16.25 -17.89 -32.52
N LYS A 61 15.89 -18.23 -31.29
CA LYS A 61 16.66 -17.84 -30.12
C LYS A 61 17.43 -19.02 -29.56
N SER A 62 18.58 -18.74 -28.96
CA SER A 62 19.33 -19.72 -28.20
C SER A 62 19.32 -19.35 -26.72
N ASN A 63 19.74 -20.29 -25.88
CA ASN A 63 19.89 -20.00 -24.47
C ASN A 63 20.73 -18.76 -24.24
N HIS A 64 21.78 -18.58 -25.05
CA HIS A 64 22.70 -17.48 -24.82
C HIS A 64 22.24 -16.11 -25.34
N SER A 65 21.12 -16.05 -26.05
CA SER A 65 20.61 -14.73 -26.45
C SER A 65 19.81 -14.07 -25.32
N PHE A 66 19.53 -14.82 -24.26
CA PHE A 66 18.85 -14.26 -23.09
C PHE A 66 19.86 -13.79 -22.04
N LEU A 67 19.78 -12.52 -21.68
CA LEU A 67 20.60 -11.98 -20.62
C LEU A 67 19.76 -11.84 -19.36
N VAL A 68 19.99 -12.73 -18.40
CA VAL A 68 19.28 -12.69 -17.12
C VAL A 68 20.25 -12.14 -16.07
N GLN A 69 19.78 -11.18 -15.27
CA GLN A 69 20.61 -10.61 -14.24
C GLN A 69 19.89 -10.51 -12.90
N ALA A 70 20.55 -10.98 -11.85
CA ALA A 70 20.12 -10.70 -10.50
C ALA A 70 20.97 -9.53 -10.03
N GLY A 71 20.34 -8.39 -9.86
CA GLY A 71 21.07 -7.16 -9.64
C GLY A 71 22.20 -7.04 -10.65
N ASN A 72 23.41 -6.91 -10.11
CA ASN A 72 24.62 -6.72 -10.88
C ASN A 72 25.01 -7.93 -11.73
N VAL A 73 24.49 -9.10 -11.36
CA VAL A 73 25.12 -10.35 -11.71
C VAL A 73 24.38 -11.23 -12.73
N GLN A 74 25.05 -11.55 -13.82
CA GLN A 74 24.46 -12.39 -14.86
C GLN A 74 24.22 -13.83 -14.39
N LEU A 75 23.04 -14.37 -14.71
CA LEU A 75 22.72 -15.78 -14.46
C LEU A 75 22.67 -16.54 -15.77
N ARG A 76 23.52 -17.55 -15.92
CA ARG A 76 23.63 -18.29 -17.17
C ARG A 76 22.37 -19.11 -17.48
N VAL A 77 21.75 -18.82 -18.62
CA VAL A 77 20.61 -19.60 -19.09
C VAL A 77 21.04 -20.91 -19.75
N ILE A 78 20.64 -22.04 -19.16
CA ILE A 78 20.96 -23.38 -19.69
C ILE A 78 19.76 -24.09 -20.29
N GLY A 79 18.64 -23.39 -20.42
CA GLY A 79 17.44 -23.98 -21.00
C GLY A 79 16.37 -22.92 -21.20
N HIS A 80 15.45 -23.16 -22.12
CA HIS A 80 14.34 -22.24 -22.32
C HIS A 80 13.15 -22.90 -22.98
N SER A 81 11.96 -22.42 -22.64
CA SER A 81 10.75 -22.91 -23.27
C SER A 81 9.60 -21.93 -23.08
N MET A 82 8.55 -22.12 -23.86
CA MET A 82 7.39 -21.26 -23.77
C MET A 82 6.25 -22.04 -23.15
N GLN A 83 5.56 -21.39 -22.21
CA GLN A 83 4.36 -21.95 -21.63
C GLN A 83 3.28 -20.89 -21.76
N ASN A 84 2.36 -21.10 -22.71
CA ASN A 84 1.37 -20.10 -23.05
C ASN A 84 2.04 -18.76 -23.34
N CYS A 85 1.71 -17.71 -22.59
CA CYS A 85 2.30 -16.40 -22.87
C CYS A 85 3.54 -16.06 -22.02
N LEU A 86 4.08 -17.07 -21.35
CA LEU A 86 5.31 -16.90 -20.57
C LEU A 86 6.49 -17.63 -21.20
N LEU A 87 7.68 -17.06 -21.02
CA LEU A 87 8.91 -17.82 -21.22
C LEU A 87 9.36 -18.38 -19.88
N ARG A 88 9.88 -19.59 -19.89
CA ARG A 88 10.49 -20.22 -18.71
C ARG A 88 11.97 -20.43 -19.02
N LEU A 89 12.84 -19.75 -18.29
CA LEU A 89 14.26 -19.87 -18.54
C LEU A 89 14.93 -20.66 -17.41
N LYS A 90 15.54 -21.79 -17.75
CA LYS A 90 16.35 -22.47 -16.75
C LYS A 90 17.69 -21.76 -16.64
N VAL A 91 18.12 -21.52 -15.41
CA VAL A 91 19.41 -20.91 -15.17
C VAL A 91 20.27 -21.90 -14.38
N ASP A 92 21.58 -21.66 -14.32
CA ASP A 92 22.50 -22.67 -13.80
C ASP A 92 22.80 -22.53 -12.31
N THR A 93 21.97 -21.77 -11.61
CA THR A 93 22.07 -21.72 -10.16
C THR A 93 20.73 -21.38 -9.53
N SER A 94 20.55 -21.78 -8.28
CA SER A 94 19.26 -21.65 -7.61
C SER A 94 19.16 -20.39 -6.77
N ASN A 95 17.94 -19.90 -6.62
CA ASN A 95 17.71 -18.73 -5.80
C ASN A 95 17.47 -19.16 -4.36
N PRO A 96 18.46 -18.94 -3.47
CA PRO A 96 18.30 -19.39 -2.07
C PRO A 96 17.21 -18.62 -1.35
N LYS A 97 16.76 -17.52 -1.94
CA LYS A 97 15.73 -16.69 -1.33
C LYS A 97 14.31 -17.12 -1.75
N THR A 98 14.23 -18.16 -2.57
CA THR A 98 12.93 -18.68 -2.98
C THR A 98 12.05 -19.01 -1.79
N PRO A 99 10.86 -18.39 -1.70
CA PRO A 99 10.00 -18.68 -0.56
C PRO A 99 9.20 -19.93 -0.88
N LYS A 100 8.49 -20.46 0.11
CA LYS A 100 7.45 -21.44 -0.14
C LYS A 100 6.42 -20.75 -1.03
N TYR A 101 5.98 -21.38 -2.10
CA TYR A 101 5.04 -20.70 -3.00
C TYR A 101 4.10 -21.65 -3.71
N LYS A 102 3.10 -21.08 -4.35
CA LYS A 102 2.32 -21.81 -5.33
C LYS A 102 1.78 -20.87 -6.39
N PHE A 103 1.38 -21.41 -7.52
CA PHE A 103 0.79 -20.61 -8.58
C PHE A 103 -0.72 -20.76 -8.49
N VAL A 104 -1.44 -19.65 -8.47
CA VAL A 104 -2.90 -19.71 -8.43
C VAL A 104 -3.51 -18.78 -9.46
N ARG A 105 -4.67 -19.16 -9.96
CA ARG A 105 -5.43 -18.32 -10.85
C ARG A 105 -6.58 -17.74 -10.04
N ILE A 106 -6.64 -16.42 -9.89
CA ILE A 106 -7.69 -15.85 -9.07
C ILE A 106 -8.96 -15.55 -9.86
N GLN A 107 -10.03 -15.32 -9.13
CA GLN A 107 -11.31 -14.97 -9.72
C GLN A 107 -11.46 -13.47 -9.76
N PRO A 108 -12.15 -12.95 -10.78
CA PRO A 108 -12.45 -11.52 -10.78
C PRO A 108 -13.11 -11.09 -9.46
N GLY A 109 -12.75 -9.90 -8.99
CA GLY A 109 -13.30 -9.43 -7.73
C GLY A 109 -12.33 -9.64 -6.56
N GLN A 110 -11.41 -10.58 -6.72
CA GLN A 110 -10.42 -10.85 -5.67
C GLN A 110 -9.31 -9.82 -5.67
N THR A 111 -8.61 -9.71 -4.54
CA THR A 111 -7.54 -8.73 -4.39
C THR A 111 -6.18 -9.38 -4.34
N PHE A 112 -5.16 -8.59 -4.63
CA PHE A 112 -3.78 -9.06 -4.52
C PHE A 112 -2.85 -7.86 -4.49
N SER A 113 -1.64 -8.10 -3.99
CA SER A 113 -0.62 -7.08 -3.93
C SER A 113 0.26 -7.16 -5.16
N VAL A 114 0.67 -6.00 -5.64
CA VAL A 114 1.53 -5.90 -6.81
C VAL A 114 2.85 -5.27 -6.38
N LEU A 115 3.96 -5.95 -6.65
CA LEU A 115 5.27 -5.34 -6.48
C LEU A 115 5.74 -4.76 -7.81
N ALA A 116 5.56 -3.45 -7.98
CA ALA A 116 5.96 -2.78 -9.20
C ALA A 116 7.48 -2.72 -9.26
N CYS A 117 8.05 -3.18 -10.37
CA CYS A 117 9.49 -3.27 -10.57
C CYS A 117 9.90 -2.70 -11.92
N TYR A 118 11.14 -2.24 -12.00
CA TYR A 118 11.73 -1.77 -13.26
C TYR A 118 13.18 -2.22 -13.29
N ASN A 119 13.59 -2.80 -14.41
CA ASN A 119 14.92 -3.37 -14.54
C ASN A 119 15.26 -4.32 -13.39
N GLY A 120 14.25 -5.03 -12.89
CA GLY A 120 14.49 -6.07 -11.90
C GLY A 120 14.66 -5.53 -10.49
N SER A 121 14.43 -4.23 -10.29
CA SER A 121 14.47 -3.63 -8.94
C SER A 121 13.10 -3.11 -8.52
N PRO A 122 12.73 -3.35 -7.26
CA PRO A 122 11.46 -2.89 -6.65
C PRO A 122 11.33 -1.38 -6.61
N SER A 123 10.17 -0.90 -7.00
CA SER A 123 9.85 0.52 -6.93
C SER A 123 8.85 0.78 -5.79
N GLY A 124 7.83 -0.08 -5.69
CA GLY A 124 6.77 0.16 -4.71
C GLY A 124 5.79 -1.00 -4.68
N VAL A 125 4.95 -1.03 -3.65
CA VAL A 125 3.99 -2.11 -3.53
C VAL A 125 2.61 -1.52 -3.33
N TYR A 126 1.61 -2.06 -4.01
CA TYR A 126 0.26 -1.56 -3.78
C TYR A 126 -0.75 -2.67 -3.89
N GLN A 127 -1.93 -2.46 -3.30
CA GLN A 127 -2.96 -3.46 -3.25
C GLN A 127 -4.01 -3.10 -4.27
N CYS A 128 -4.51 -4.09 -5.01
CA CYS A 128 -5.58 -3.82 -5.94
C CYS A 128 -6.53 -4.99 -6.08
N ALA A 129 -7.61 -4.76 -6.82
CA ALA A 129 -8.56 -5.81 -7.13
C ALA A 129 -8.53 -6.07 -8.63
N MET A 130 -8.69 -7.33 -8.98
CA MET A 130 -8.98 -7.74 -10.34
C MET A 130 -10.42 -7.31 -10.68
N ARG A 131 -10.59 -6.43 -11.66
CA ARG A 131 -11.92 -5.95 -12.04
C ARG A 131 -12.79 -7.11 -12.57
N PRO A 132 -14.11 -6.96 -12.47
CA PRO A 132 -14.97 -7.96 -13.12
C PRO A 132 -14.59 -8.18 -14.60
N ASN A 133 -14.09 -7.14 -15.28
CA ASN A 133 -13.73 -7.27 -16.70
C ASN A 133 -12.28 -7.73 -16.95
N HIS A 134 -11.67 -8.25 -15.89
CA HIS A 134 -10.32 -8.85 -15.92
C HIS A 134 -9.16 -7.87 -16.05
N THR A 135 -9.42 -6.56 -16.01
CA THR A 135 -8.31 -5.60 -16.01
C THR A 135 -7.99 -5.22 -14.58
N ILE A 136 -6.84 -4.55 -14.42
CA ILE A 136 -6.43 -4.03 -13.14
C ILE A 136 -6.24 -2.55 -13.31
N LYS A 137 -6.72 -1.77 -12.35
CA LYS A 137 -6.45 -0.34 -12.37
C LYS A 137 -5.13 -0.13 -11.65
N GLY A 138 -4.04 -0.25 -12.42
CA GLY A 138 -2.72 -0.28 -11.84
C GLY A 138 -1.96 1.01 -12.04
N SER A 139 -0.69 1.00 -11.63
CA SER A 139 0.22 2.11 -11.85
C SER A 139 1.50 1.55 -12.45
N PHE A 140 1.53 1.42 -13.77
CA PHE A 140 2.67 0.83 -14.45
C PHE A 140 3.26 1.77 -15.50
N LEU A 141 4.57 1.94 -15.48
CA LEU A 141 5.24 2.69 -16.52
C LEU A 141 5.86 1.73 -17.51
N ASN A 142 6.57 2.26 -18.50
CA ASN A 142 7.23 1.38 -19.45
C ASN A 142 8.36 0.62 -18.76
N GLY A 143 8.49 -0.67 -19.06
CA GLY A 143 9.50 -1.51 -18.43
C GLY A 143 8.98 -2.24 -17.18
N SER A 144 7.74 -1.95 -16.79
CA SER A 144 7.14 -2.61 -15.63
C SER A 144 6.69 -4.05 -15.89
N CYS A 145 6.65 -4.47 -17.15
CA CYS A 145 6.20 -5.85 -17.49
C CYS A 145 6.98 -6.89 -16.74
N GLY A 146 6.31 -7.96 -16.34
CA GLY A 146 6.97 -9.02 -15.61
C GLY A 146 6.88 -8.83 -14.10
N SER A 147 6.40 -7.66 -13.67
CA SER A 147 6.05 -7.46 -12.27
C SER A 147 4.91 -8.40 -11.94
N VAL A 148 4.87 -8.89 -10.70
CA VAL A 148 3.88 -9.88 -10.30
C VAL A 148 2.94 -9.41 -9.19
N GLY A 149 1.76 -10.04 -9.16
CA GLY A 149 0.77 -9.85 -8.13
C GLY A 149 0.69 -11.13 -7.31
N PHE A 150 0.40 -10.99 -6.03
CA PHE A 150 0.51 -12.14 -5.14
C PHE A 150 -0.29 -11.90 -3.88
N ASN A 151 -0.57 -13.00 -3.18
CA ASN A 151 -1.08 -12.95 -1.82
C ASN A 151 -0.15 -13.79 -0.94
N ILE A 152 -0.20 -13.59 0.37
CA ILE A 152 0.62 -14.41 1.25
C ILE A 152 -0.21 -15.02 2.36
N ASP A 153 -0.11 -16.33 2.47
CA ASP A 153 -0.78 -17.08 3.51
C ASP A 153 0.31 -17.65 4.41
N TYR A 154 0.43 -17.10 5.61
CA TYR A 154 1.49 -17.47 6.53
C TYR A 154 2.85 -17.21 5.90
N ASP A 155 3.55 -18.28 5.51
CA ASP A 155 4.87 -18.18 4.92
C ASP A 155 4.84 -18.55 3.44
N CYS A 156 3.64 -18.77 2.91
CA CYS A 156 3.49 -19.24 1.53
C CYS A 156 3.00 -18.13 0.62
N VAL A 157 3.78 -17.85 -0.43
CA VAL A 157 3.40 -16.86 -1.42
C VAL A 157 2.58 -17.50 -2.52
N SER A 158 1.34 -17.04 -2.70
CA SER A 158 0.54 -17.46 -3.84
C SER A 158 0.63 -16.43 -4.97
N PHE A 159 1.42 -16.75 -6.00
CA PHE A 159 1.55 -15.88 -7.17
C PHE A 159 0.32 -16.01 -8.07
N CYS A 160 -0.32 -14.89 -8.39
CA CYS A 160 -1.55 -14.94 -9.19
C CYS A 160 -1.54 -14.11 -10.47
N TYR A 161 -0.55 -13.22 -10.61
CA TYR A 161 -0.56 -12.29 -11.73
C TYR A 161 0.85 -11.92 -12.18
N MET A 162 1.03 -11.83 -13.50
CA MET A 162 2.22 -11.24 -14.08
C MET A 162 1.80 -10.24 -15.13
N HIS A 163 2.43 -9.06 -15.10
CA HIS A 163 1.96 -7.94 -15.90
C HIS A 163 2.50 -8.02 -17.32
N HIS A 164 1.61 -7.85 -18.30
CA HIS A 164 2.02 -7.90 -19.70
C HIS A 164 1.79 -6.61 -20.48
N MET A 165 0.70 -5.89 -20.22
CA MET A 165 0.35 -4.78 -21.11
C MET A 165 -0.55 -3.70 -20.57
N GLU A 166 -0.55 -2.58 -21.27
CA GLU A 166 -1.49 -1.51 -20.94
C GLU A 166 -2.47 -1.31 -22.07
N LEU A 167 -3.73 -1.09 -21.72
CA LEU A 167 -4.80 -0.91 -22.70
C LEU A 167 -5.10 0.58 -22.91
N PRO A 168 -5.75 0.92 -24.03
CA PRO A 168 -6.09 2.30 -24.40
C PRO A 168 -6.67 3.17 -23.28
N THR A 169 -7.49 2.59 -22.39
CA THR A 169 -8.06 3.36 -21.30
C THR A 169 -7.03 3.63 -20.20
N GLY A 170 -5.89 2.97 -20.28
CA GLY A 170 -4.86 3.12 -19.27
C GLY A 170 -5.02 2.14 -18.12
N VAL A 171 -5.81 1.09 -18.34
CA VAL A 171 -5.89 -0.01 -17.40
C VAL A 171 -4.94 -1.10 -17.86
N HIS A 172 -4.76 -2.12 -17.02
CA HIS A 172 -3.70 -3.09 -17.25
C HIS A 172 -4.17 -4.53 -17.40
N ALA A 173 -3.45 -5.31 -18.21
CA ALA A 173 -3.79 -6.70 -18.46
C ALA A 173 -2.57 -7.60 -18.32
N GLY A 174 -2.81 -8.86 -17.96
CA GLY A 174 -1.72 -9.80 -17.76
C GLY A 174 -2.22 -11.21 -17.60
N THR A 175 -1.35 -12.08 -17.10
CA THR A 175 -1.61 -13.52 -17.04
C THR A 175 -1.46 -14.07 -15.64
N ASP A 176 -1.90 -15.32 -15.45
CA ASP A 176 -1.52 -16.06 -14.25
C ASP A 176 -0.09 -16.57 -14.45
N LEU A 177 0.42 -17.38 -13.53
CA LEU A 177 1.82 -17.79 -13.62
C LEU A 177 1.98 -19.07 -14.45
N GLU A 178 0.92 -19.47 -15.12
CA GLU A 178 1.01 -20.47 -16.18
C GLU A 178 0.94 -19.77 -17.53
N GLY A 179 0.85 -18.45 -17.49
CA GLY A 179 0.89 -17.67 -18.71
C GLY A 179 -0.42 -17.53 -19.46
N LYS A 180 -1.52 -17.86 -18.81
CA LYS A 180 -2.84 -17.71 -19.44
C LYS A 180 -3.40 -16.34 -19.09
N PHE A 181 -3.78 -15.57 -20.10
CA PHE A 181 -4.32 -14.25 -19.83
C PHE A 181 -5.58 -14.29 -18.98
N TYR A 182 -5.73 -13.26 -18.16
CA TYR A 182 -7.00 -12.96 -17.53
C TYR A 182 -7.76 -12.11 -18.54
N GLY A 183 -8.97 -12.53 -18.90
CA GLY A 183 -9.75 -11.79 -19.87
C GLY A 183 -9.41 -12.20 -21.29
N PRO A 184 -10.06 -11.55 -22.27
CA PRO A 184 -9.94 -11.86 -23.70
C PRO A 184 -8.81 -11.06 -24.34
N PHE A 185 -7.69 -10.97 -23.67
CA PHE A 185 -6.59 -10.17 -24.20
C PHE A 185 -5.50 -11.06 -24.80
N VAL A 186 -4.77 -10.51 -25.76
CA VAL A 186 -3.65 -11.21 -26.38
C VAL A 186 -2.43 -10.32 -26.35
N ASP A 187 -1.25 -10.93 -26.30
CA ASP A 187 -0.01 -10.16 -26.22
C ASP A 187 0.48 -9.69 -27.59
N ARG A 188 -0.27 -8.75 -28.15
CA ARG A 188 0.13 -8.06 -29.37
C ARG A 188 -0.46 -6.66 -29.36
N GLN A 189 0.20 -5.74 -30.05
CA GLN A 189 -0.17 -4.33 -29.98
C GLN A 189 -1.22 -3.93 -30.99
N THR A 190 -2.44 -4.40 -30.76
CA THR A 190 -3.56 -4.09 -31.63
C THR A 190 -4.66 -3.39 -30.85
N ALA A 191 -5.74 -3.08 -31.55
CA ALA A 191 -6.91 -2.49 -30.93
C ALA A 191 -7.64 -3.55 -30.12
N GLN A 192 -7.45 -3.52 -28.81
CA GLN A 192 -8.29 -4.30 -27.92
C GLN A 192 -8.62 -3.36 -26.77
N ALA A 193 -9.80 -3.53 -26.21
CA ALA A 193 -10.27 -2.61 -25.18
C ALA A 193 -10.90 -3.40 -24.04
N ALA A 194 -10.86 -2.82 -22.85
CA ALA A 194 -11.47 -3.45 -21.69
C ALA A 194 -12.98 -3.55 -21.92
N GLY A 195 -13.58 -4.63 -21.42
CA GLY A 195 -15.01 -4.82 -21.52
C GLY A 195 -15.76 -3.95 -20.53
N THR A 196 -17.09 -4.03 -20.55
CA THR A 196 -17.88 -3.25 -19.60
C THR A 196 -17.47 -3.73 -18.23
N ASP A 197 -17.31 -2.79 -17.31
CA ASP A 197 -16.94 -3.13 -15.95
C ASP A 197 -18.10 -2.84 -15.01
N THR A 198 -18.19 -3.62 -13.94
CA THR A 198 -19.18 -3.41 -12.93
C THR A 198 -18.51 -3.14 -11.59
N THR A 199 -19.30 -2.66 -10.62
CA THR A 199 -18.84 -2.50 -9.26
C THR A 199 -19.00 -3.83 -8.56
N ILE A 200 -18.00 -4.20 -7.75
CA ILE A 200 -17.97 -5.50 -7.09
C ILE A 200 -18.80 -5.44 -5.82
N THR A 201 -20.06 -5.78 -5.96
CA THR A 201 -21.06 -5.65 -4.90
C THR A 201 -20.64 -6.32 -3.60
N LEU A 202 -20.16 -7.56 -3.69
CA LEU A 202 -19.73 -8.30 -2.52
C LEU A 202 -18.72 -7.51 -1.69
N ASN A 203 -17.81 -6.83 -2.38
CA ASN A 203 -16.74 -6.09 -1.71
C ASN A 203 -17.25 -4.81 -1.04
N VAL A 204 -18.13 -4.09 -1.74
CA VAL A 204 -18.78 -2.92 -1.15
C VAL A 204 -19.50 -3.28 0.15
N LEU A 205 -20.23 -4.40 0.14
CA LEU A 205 -20.91 -4.84 1.35
C LEU A 205 -19.91 -5.15 2.46
N ALA A 206 -18.81 -5.81 2.12
CA ALA A 206 -17.79 -6.14 3.12
C ALA A 206 -17.26 -4.85 3.75
N TRP A 207 -17.10 -3.83 2.92
CA TRP A 207 -16.50 -2.58 3.33
C TRP A 207 -17.46 -1.80 4.22
N LEU A 208 -18.75 -1.94 3.95
CA LEU A 208 -19.76 -1.37 4.83
C LEU A 208 -19.68 -2.04 6.18
N TYR A 209 -19.49 -3.37 6.19
CA TYR A 209 -19.26 -4.07 7.44
C TYR A 209 -18.02 -3.55 8.17
N ALA A 210 -16.94 -3.31 7.42
CA ALA A 210 -15.72 -2.76 8.01
C ALA A 210 -16.03 -1.46 8.75
N ALA A 211 -16.75 -0.57 8.07
CA ALA A 211 -17.16 0.69 8.70
C ALA A 211 -17.92 0.45 10.02
N VAL A 212 -18.81 -0.54 10.05
CA VAL A 212 -19.59 -0.80 11.25
C VAL A 212 -18.72 -1.34 12.39
N ILE A 213 -17.79 -2.23 12.06
CA ILE A 213 -16.82 -2.67 13.04
C ILE A 213 -16.03 -1.47 13.58
N ASN A 214 -15.98 -0.41 12.77
CA ASN A 214 -15.23 0.81 13.10
C ASN A 214 -16.05 1.98 13.65
N GLY A 215 -17.35 1.78 13.84
CA GLY A 215 -18.22 2.79 14.42
C GLY A 215 -18.74 3.86 13.47
N ASP A 216 -18.73 3.57 12.18
CA ASP A 216 -19.37 4.48 11.24
C ASP A 216 -20.66 3.80 10.79
N ARG A 217 -21.78 4.23 11.35
CA ARG A 217 -23.00 3.46 11.12
C ARG A 217 -24.23 4.30 10.80
N TRP A 218 -23.97 5.52 10.35
CA TRP A 218 -25.03 6.45 10.00
C TRP A 218 -25.89 5.96 8.84
N PHE A 219 -25.29 5.12 7.99
CA PHE A 219 -25.94 4.68 6.75
C PHE A 219 -26.94 3.54 6.98
N LEU A 220 -26.98 2.98 8.18
CA LEU A 220 -27.92 1.90 8.47
C LEU A 220 -29.37 2.39 8.47
N ASN A 221 -30.32 1.47 8.29
CA ASN A 221 -31.73 1.84 8.28
C ASN A 221 -32.56 0.69 8.82
N ARG A 222 -33.87 0.94 9.00
CA ARG A 222 -34.75 -0.01 9.69
C ARG A 222 -35.33 -1.05 8.74
N PHE A 223 -34.88 -1.01 7.49
CA PHE A 223 -35.44 -1.84 6.44
C PHE A 223 -34.64 -3.11 6.15
N THR A 224 -35.32 -4.09 5.58
CA THR A 224 -34.64 -5.23 4.99
C THR A 224 -35.10 -5.33 3.54
N THR A 225 -34.55 -6.29 2.81
CA THR A 225 -34.88 -6.42 1.40
C THR A 225 -34.73 -7.88 1.04
N THR A 226 -35.32 -8.27 -0.08
CA THR A 226 -35.07 -9.61 -0.61
C THR A 226 -33.87 -9.51 -1.51
N LEU A 227 -33.28 -10.67 -1.80
CA LEU A 227 -32.16 -10.71 -2.72
C LEU A 227 -32.59 -10.16 -4.08
N ASN A 228 -33.75 -10.59 -4.57
CA ASN A 228 -34.26 -10.12 -5.85
C ASN A 228 -34.48 -8.61 -5.92
N ASP A 229 -35.11 -8.06 -4.90
CA ASP A 229 -35.39 -6.64 -4.90
C ASP A 229 -34.09 -5.84 -4.86
N PHE A 230 -33.12 -6.33 -4.11
CA PHE A 230 -31.82 -5.64 -4.07
C PHE A 230 -31.19 -5.59 -5.45
N ASN A 231 -31.10 -6.75 -6.09
CA ASN A 231 -30.53 -6.83 -7.43
C ASN A 231 -31.23 -5.94 -8.45
N LEU A 232 -32.55 -5.82 -8.35
CA LEU A 232 -33.28 -4.93 -9.26
C LEU A 232 -32.75 -3.49 -9.17
N VAL A 233 -32.45 -3.04 -7.97
CA VAL A 233 -31.91 -1.69 -7.81
C VAL A 233 -30.43 -1.62 -8.14
N ALA A 234 -29.63 -2.48 -7.51
CA ALA A 234 -28.19 -2.42 -7.70
C ALA A 234 -27.77 -2.50 -9.16
N MET A 235 -28.46 -3.32 -9.94
CA MET A 235 -28.13 -3.48 -11.35
C MET A 235 -28.39 -2.22 -12.17
N LYS A 236 -29.28 -1.35 -11.71
CA LYS A 236 -29.48 -0.07 -12.37
C LYS A 236 -28.24 0.79 -12.22
N TYR A 237 -27.45 0.52 -11.19
CA TYR A 237 -26.31 1.37 -10.85
C TYR A 237 -25.00 0.71 -11.22
N ASN A 238 -25.08 -0.26 -12.13
CA ASN A 238 -23.89 -0.93 -12.67
C ASN A 238 -23.15 -1.80 -11.63
N TYR A 239 -23.92 -2.36 -10.70
CA TYR A 239 -23.39 -3.26 -9.68
C TYR A 239 -23.59 -4.70 -10.14
N GLU A 240 -22.61 -5.56 -9.86
CA GLU A 240 -22.74 -6.98 -10.15
C GLU A 240 -23.90 -7.57 -9.39
N PRO A 241 -24.68 -8.45 -10.03
CA PRO A 241 -25.75 -9.11 -9.28
C PRO A 241 -25.20 -9.82 -8.05
N LEU A 242 -25.92 -9.75 -6.93
CA LEU A 242 -25.56 -10.47 -5.72
C LEU A 242 -26.22 -11.86 -5.73
N THR A 243 -25.46 -12.89 -5.36
CA THR A 243 -26.00 -14.25 -5.31
C THR A 243 -26.05 -14.71 -3.87
N GLN A 244 -26.74 -15.82 -3.64
CA GLN A 244 -26.81 -16.38 -2.29
C GLN A 244 -25.43 -16.83 -1.80
N ASP A 245 -24.56 -17.27 -2.71
CA ASP A 245 -23.20 -17.62 -2.32
C ASP A 245 -22.51 -16.41 -1.69
N HIS A 246 -22.71 -15.25 -2.31
CA HIS A 246 -22.11 -14.01 -1.81
C HIS A 246 -22.70 -13.64 -0.45
N VAL A 247 -24.00 -13.82 -0.32
CA VAL A 247 -24.66 -13.61 0.97
C VAL A 247 -23.99 -14.50 2.03
N ASP A 248 -23.79 -15.78 1.69
CA ASP A 248 -23.21 -16.74 2.63
C ASP A 248 -21.82 -16.33 3.08
N ILE A 249 -21.05 -15.80 2.14
CA ILE A 249 -19.68 -15.40 2.42
C ILE A 249 -19.64 -14.30 3.47
N LEU A 250 -20.68 -13.46 3.49
CA LEU A 250 -20.77 -12.37 4.47
C LEU A 250 -21.27 -12.82 5.84
N GLY A 251 -21.47 -14.12 6.01
CA GLY A 251 -21.96 -14.66 7.27
C GLY A 251 -21.17 -14.20 8.48
N PRO A 252 -19.88 -14.58 8.52
CA PRO A 252 -19.02 -14.19 9.65
C PRO A 252 -19.12 -12.71 9.99
N LEU A 253 -19.00 -11.83 9.00
CA LEU A 253 -19.06 -10.39 9.27
C LEU A 253 -20.44 -10.00 9.80
N SER A 254 -21.47 -10.69 9.33
CA SER A 254 -22.82 -10.44 9.78
C SER A 254 -22.95 -10.83 11.25
N ALA A 255 -22.36 -11.97 11.61
CA ALA A 255 -22.41 -12.44 12.99
C ALA A 255 -21.68 -11.48 13.92
N GLN A 256 -20.48 -11.08 13.52
CA GLN A 256 -19.69 -10.16 14.32
C GLN A 256 -20.45 -8.87 14.63
N THR A 257 -21.15 -8.33 13.63
CA THR A 257 -21.79 -7.03 13.77
C THR A 257 -23.26 -7.09 14.17
N GLY A 258 -23.86 -8.28 14.10
CA GLY A 258 -25.28 -8.41 14.40
C GLY A 258 -26.17 -7.71 13.38
N ILE A 259 -25.61 -7.43 12.21
CA ILE A 259 -26.38 -6.85 11.12
C ILE A 259 -26.61 -7.92 10.06
N ALA A 260 -27.88 -8.24 9.82
CA ALA A 260 -28.26 -9.25 8.84
C ALA A 260 -27.79 -8.82 7.45
N VAL A 261 -27.33 -9.78 6.66
CA VAL A 261 -26.79 -9.43 5.35
C VAL A 261 -27.80 -8.65 4.52
N LEU A 262 -29.05 -9.09 4.52
CA LEU A 262 -30.06 -8.43 3.72
C LEU A 262 -30.41 -7.05 4.28
N ASP A 263 -30.23 -6.86 5.59
CA ASP A 263 -30.37 -5.54 6.20
C ASP A 263 -29.26 -4.62 5.67
N MET A 264 -28.03 -5.14 5.58
CA MET A 264 -26.98 -4.33 4.99
C MET A 264 -27.28 -4.03 3.52
N CYS A 265 -27.82 -5.01 2.81
CA CYS A 265 -28.20 -4.77 1.42
C CYS A 265 -29.21 -3.64 1.33
N ALA A 266 -30.11 -3.59 2.31
CA ALA A 266 -31.11 -2.53 2.34
C ALA A 266 -30.41 -1.18 2.52
N ALA A 267 -29.40 -1.14 3.39
CA ALA A 267 -28.63 0.09 3.61
C ALA A 267 -27.97 0.52 2.31
N LEU A 268 -27.36 -0.44 1.62
CA LEU A 268 -26.66 -0.14 0.37
C LEU A 268 -27.64 0.35 -0.69
N LYS A 269 -28.82 -0.25 -0.73
CA LYS A 269 -29.86 0.20 -1.67
C LYS A 269 -30.16 1.69 -1.50
N GLU A 270 -30.31 2.11 -0.26
CA GLU A 270 -30.64 3.51 0.01
C GLU A 270 -29.47 4.44 -0.30
N LEU A 271 -28.24 3.97 -0.03
CA LEU A 271 -27.06 4.75 -0.36
C LEU A 271 -26.99 5.00 -1.85
N LEU A 272 -27.35 3.99 -2.64
CA LEU A 272 -27.32 4.10 -4.08
C LEU A 272 -28.41 5.06 -4.57
N GLN A 273 -29.60 4.91 -4.00
CA GLN A 273 -30.73 5.73 -4.42
C GLN A 273 -30.58 7.19 -4.00
N ASN A 274 -30.15 7.43 -2.76
CA ASN A 274 -30.09 8.79 -2.23
C ASN A 274 -28.70 9.44 -2.28
N GLY A 275 -27.65 8.62 -2.41
CA GLY A 275 -26.29 9.14 -2.34
C GLY A 275 -25.86 9.27 -0.89
N MET A 276 -24.69 9.87 -0.66
CA MET A 276 -24.15 9.93 0.69
C MET A 276 -24.38 11.28 1.38
N ASN A 277 -24.87 12.25 0.62
CA ASN A 277 -25.19 13.57 1.17
C ASN A 277 -24.01 14.13 1.96
N GLY A 278 -22.91 14.39 1.27
CA GLY A 278 -21.73 14.98 1.88
C GLY A 278 -21.06 14.14 2.95
N ARG A 279 -21.71 13.05 3.36
CA ARG A 279 -21.19 12.20 4.42
C ARG A 279 -20.02 11.35 3.92
N THR A 280 -19.30 10.71 4.84
CA THR A 280 -18.25 9.79 4.45
C THR A 280 -18.36 8.50 5.22
N ILE A 281 -17.77 7.45 4.66
CA ILE A 281 -17.66 6.17 5.33
C ILE A 281 -16.20 5.75 5.32
N LEU A 282 -15.69 5.31 6.47
CA LEU A 282 -14.27 4.99 6.61
C LEU A 282 -13.43 6.00 5.85
N GLY A 283 -13.76 7.28 6.02
CA GLY A 283 -13.02 8.36 5.41
C GLY A 283 -13.32 8.63 3.95
N SER A 284 -14.10 7.76 3.31
CA SER A 284 -14.35 7.91 1.88
C SER A 284 -15.71 8.51 1.54
N THR A 285 -15.77 9.20 0.40
CA THR A 285 -17.02 9.79 -0.08
C THR A 285 -17.63 8.97 -1.21
N ILE A 286 -16.96 7.88 -1.56
CA ILE A 286 -17.49 6.95 -2.55
C ILE A 286 -17.52 5.57 -1.92
N LEU A 287 -18.30 4.68 -2.52
CA LEU A 287 -18.36 3.32 -2.02
C LEU A 287 -17.19 2.55 -2.61
N GLU A 288 -16.35 2.01 -1.74
CA GLU A 288 -15.13 1.31 -2.14
C GLU A 288 -15.40 -0.16 -2.43
N ASP A 289 -14.85 -0.67 -3.53
CA ASP A 289 -15.08 -2.09 -3.84
C ASP A 289 -13.82 -2.95 -4.00
N GLU A 290 -12.69 -2.49 -3.48
CA GLU A 290 -11.46 -3.27 -3.63
C GLU A 290 -10.99 -3.90 -2.30
N PHE A 291 -11.93 -4.17 -1.41
CA PHE A 291 -11.69 -4.99 -0.23
C PHE A 291 -12.65 -6.16 -0.22
N THR A 292 -12.12 -7.38 -0.24
CA THR A 292 -12.94 -8.58 -0.11
C THR A 292 -13.40 -8.77 1.33
N PRO A 293 -14.40 -9.63 1.55
CA PRO A 293 -14.78 -9.98 2.92
C PRO A 293 -13.58 -10.53 3.70
N PHE A 294 -12.75 -11.37 3.07
CA PHE A 294 -11.55 -11.86 3.76
C PHE A 294 -10.61 -10.71 4.15
N ASP A 295 -10.47 -9.71 3.28
CA ASP A 295 -9.61 -8.59 3.57
C ASP A 295 -10.11 -7.85 4.81
N VAL A 296 -11.43 -7.69 4.90
CA VAL A 296 -12.03 -7.00 6.01
C VAL A 296 -11.81 -7.75 7.34
N VAL A 297 -12.07 -9.06 7.31
CA VAL A 297 -11.88 -9.89 8.49
C VAL A 297 -10.42 -9.92 8.95
N ARG A 298 -9.50 -9.85 8.00
CA ARG A 298 -8.07 -9.90 8.35
C ARG A 298 -7.58 -8.58 8.97
N GLN A 299 -8.09 -7.46 8.46
CA GLN A 299 -7.62 -6.15 8.92
C GLN A 299 -8.33 -5.69 10.19
N CYS A 300 -9.64 -5.88 10.25
CA CYS A 300 -10.43 -5.48 11.41
C CYS A 300 -10.34 -6.54 12.51
N SER A 301 -9.96 -7.74 12.10
CA SER A 301 -10.04 -8.96 12.90
C SER A 301 -11.45 -9.29 13.37
N SER B 1 0.89 4.04 -17.24
CA SER B 1 -0.01 5.04 -16.68
C SER B 1 -0.67 4.54 -15.40
N GLY B 2 -1.61 5.33 -14.89
CA GLY B 2 -2.27 5.05 -13.62
C GLY B 2 -1.53 5.72 -12.48
N PHE B 3 -2.27 6.12 -11.45
CA PHE B 3 -1.65 6.75 -10.27
C PHE B 3 -2.18 6.10 -9.01
N ARG B 4 -1.28 5.44 -8.29
CA ARG B 4 -1.65 4.77 -7.07
C ARG B 4 -0.83 5.34 -5.93
N LYS B 5 -1.42 5.41 -4.76
CA LYS B 5 -0.64 5.62 -3.56
C LYS B 5 0.15 4.33 -3.38
N MET B 6 1.46 4.41 -3.29
CA MET B 6 2.25 3.20 -3.12
C MET B 6 3.06 3.24 -1.85
N ALA B 7 3.26 2.07 -1.25
CA ALA B 7 4.21 1.94 -0.15
C ALA B 7 5.58 1.53 -0.69
N PHE B 8 6.62 1.79 0.09
CA PHE B 8 7.93 1.28 -0.25
C PHE B 8 7.97 -0.26 -0.14
N PRO B 9 8.83 -0.91 -0.94
CA PRO B 9 8.98 -2.36 -0.72
C PRO B 9 9.46 -2.58 0.72
N SER B 10 8.87 -3.53 1.43
CA SER B 10 9.04 -3.62 2.88
C SER B 10 10.11 -4.63 3.33
N GLY B 11 10.70 -5.33 2.38
CA GLY B 11 11.67 -6.38 2.68
C GLY B 11 12.77 -5.99 3.66
N LYS B 12 13.40 -4.84 3.46
CA LYS B 12 14.52 -4.43 4.30
C LYS B 12 14.08 -4.25 5.77
N VAL B 13 12.82 -3.88 5.96
CA VAL B 13 12.29 -3.67 7.30
C VAL B 13 11.77 -4.97 7.92
N GLU B 14 11.14 -5.80 7.09
CA GLU B 14 10.69 -7.12 7.53
C GLU B 14 11.84 -7.87 8.19
N GLY B 15 13.04 -7.74 7.62
CA GLY B 15 14.19 -8.47 8.11
C GLY B 15 14.65 -7.97 9.47
N CYS B 16 14.02 -6.90 9.95
CA CYS B 16 14.41 -6.28 11.23
C CYS B 16 13.38 -6.46 12.33
N MET B 17 12.24 -7.07 12.03
CA MET B 17 11.17 -7.17 13.02
C MET B 17 11.31 -8.39 13.93
N VAL B 18 11.23 -8.15 15.24
CA VAL B 18 11.25 -9.24 16.19
C VAL B 18 10.11 -9.07 17.18
N GLN B 19 9.96 -10.04 18.07
CA GLN B 19 8.91 -10.06 19.06
C GLN B 19 9.58 -9.89 20.42
N VAL B 20 9.00 -9.04 21.25
CA VAL B 20 9.55 -8.77 22.58
C VAL B 20 8.46 -9.05 23.61
N THR B 21 8.78 -9.87 24.59
CA THR B 21 7.80 -10.22 25.61
C THR B 21 8.32 -9.98 27.02
N CYS B 22 7.45 -9.42 27.85
CA CYS B 22 7.70 -9.20 29.26
C CYS B 22 6.49 -9.70 30.00
N GLY B 23 6.60 -10.87 30.61
CA GLY B 23 5.47 -11.50 31.27
C GLY B 23 4.35 -11.77 30.29
N THR B 24 3.24 -11.06 30.46
CA THR B 24 2.04 -11.29 29.67
C THR B 24 1.95 -10.30 28.51
N THR B 25 2.91 -9.39 28.43
CA THR B 25 2.88 -8.34 27.42
C THR B 25 3.80 -8.64 26.27
N THR B 26 3.24 -8.77 25.06
CA THR B 26 4.03 -8.96 23.87
C THR B 26 3.77 -7.85 22.85
N LEU B 27 4.84 -7.24 22.36
CA LEU B 27 4.74 -6.33 21.22
C LEU B 27 5.90 -6.57 20.26
N ASN B 28 6.07 -5.67 19.30
CA ASN B 28 7.12 -5.82 18.30
C ASN B 28 8.36 -4.99 18.64
N GLY B 29 9.52 -5.43 18.16
CA GLY B 29 10.73 -4.64 18.32
C GLY B 29 11.50 -4.55 17.00
N LEU B 30 12.37 -3.55 16.91
CA LEU B 30 13.17 -3.33 15.70
C LEU B 30 14.61 -3.71 16.02
N TRP B 31 15.12 -4.68 15.26
CA TRP B 31 16.43 -5.26 15.51
C TRP B 31 17.42 -4.78 14.46
N LEU B 32 18.34 -3.92 14.91
CA LEU B 32 19.35 -3.34 14.05
C LEU B 32 20.71 -3.56 14.70
N ASP B 33 21.61 -4.19 13.95
CA ASP B 33 22.88 -4.62 14.52
C ASP B 33 22.60 -5.37 15.82
N ASP B 34 23.26 -5.01 16.92
CA ASP B 34 23.02 -5.77 18.16
C ASP B 34 22.08 -5.08 19.18
N THR B 35 21.19 -4.23 18.68
CA THR B 35 20.22 -3.55 19.53
C THR B 35 18.80 -3.79 19.03
N VAL B 36 17.89 -4.03 19.97
CA VAL B 36 16.48 -4.11 19.68
C VAL B 36 15.78 -2.92 20.34
N TYR B 37 15.04 -2.16 19.54
CA TYR B 37 14.28 -1.00 20.01
C TYR B 37 12.82 -1.39 20.13
N CYS B 38 12.18 -1.02 21.23
CA CYS B 38 10.74 -1.26 21.36
C CYS B 38 10.11 -0.26 22.32
N PRO B 39 8.78 -0.14 22.29
CA PRO B 39 8.11 0.81 23.20
C PRO B 39 8.40 0.46 24.67
N ARG B 40 8.75 1.46 25.47
CA ARG B 40 9.08 1.17 26.86
C ARG B 40 7.89 0.58 27.62
N HIS B 41 6.67 0.77 27.12
CA HIS B 41 5.49 0.25 27.83
C HIS B 41 5.33 -1.28 27.74
N VAL B 42 6.32 -1.95 27.17
CA VAL B 42 6.31 -3.41 27.14
C VAL B 42 6.55 -3.97 28.55
N ILE B 43 7.13 -3.14 29.41
CA ILE B 43 7.41 -3.55 30.79
C ILE B 43 6.24 -3.31 31.74
N CYS B 44 5.08 -2.99 31.17
CA CYS B 44 3.87 -2.78 31.96
C CYS B 44 2.90 -3.96 31.84
N THR B 45 1.76 -3.85 32.53
CA THR B 45 0.65 -4.78 32.37
C THR B 45 -0.63 -3.99 32.12
N ALA B 46 -1.77 -4.67 32.21
CA ALA B 46 -3.06 -4.07 31.91
C ALA B 46 -3.37 -2.82 32.73
N GLU B 47 -2.78 -2.72 33.92
CA GLU B 47 -3.05 -1.60 34.80
C GLU B 47 -1.87 -0.62 34.91
N ASP B 48 -0.66 -1.16 34.96
CA ASP B 48 0.53 -0.32 35.10
C ASP B 48 0.42 0.95 34.28
N MET B 49 0.01 0.80 33.03
CA MET B 49 -0.01 1.89 32.05
C MET B 49 -0.79 3.13 32.49
N LEU B 50 -1.64 3.00 33.52
CA LEU B 50 -2.44 4.14 34.00
C LEU B 50 -1.57 5.32 34.39
N ASN B 51 -0.56 5.07 35.23
CA ASN B 51 0.34 6.14 35.66
C ASN B 51 1.63 5.55 36.21
N PRO B 52 2.48 5.04 35.31
CA PRO B 52 3.65 4.24 35.65
C PRO B 52 4.92 5.07 35.82
N ASN B 53 5.76 4.70 36.80
CA ASN B 53 7.10 5.26 36.89
C ASN B 53 8.07 4.34 36.16
N TYR B 54 8.21 4.55 34.86
CA TYR B 54 9.05 3.70 34.02
C TYR B 54 10.45 3.50 34.61
N GLU B 55 11.05 4.58 35.09
CA GLU B 55 12.35 4.50 35.74
C GLU B 55 12.35 3.44 36.83
N ASP B 56 11.33 3.48 37.69
CA ASP B 56 11.24 2.55 38.80
C ASP B 56 11.01 1.12 38.34
N LEU B 57 10.11 0.97 37.37
CA LEU B 57 9.76 -0.37 36.91
C LEU B 57 10.91 -1.02 36.16
N LEU B 58 11.70 -0.22 35.47
CA LEU B 58 12.83 -0.76 34.71
C LEU B 58 13.89 -1.30 35.65
N ILE B 59 14.13 -0.60 36.74
CA ILE B 59 15.20 -0.98 37.65
C ILE B 59 14.94 -2.36 38.24
N ARG B 60 13.67 -2.74 38.33
CA ARG B 60 13.31 -4.05 38.83
C ARG B 60 13.55 -5.16 37.79
N LYS B 61 13.61 -4.79 36.52
CA LYS B 61 13.72 -5.77 35.43
C LYS B 61 15.16 -6.28 35.22
N SER B 62 15.28 -7.55 34.90
CA SER B 62 16.58 -8.12 34.56
C SER B 62 16.61 -8.47 33.08
N ASN B 63 17.80 -8.62 32.52
CA ASN B 63 17.93 -9.04 31.13
C ASN B 63 17.09 -10.28 30.80
N HIS B 64 17.05 -11.24 31.71
CA HIS B 64 16.37 -12.51 31.43
C HIS B 64 14.84 -12.38 31.43
N SER B 65 14.32 -11.25 31.89
CA SER B 65 12.87 -11.05 31.90
C SER B 65 12.35 -10.71 30.51
N PHE B 66 13.25 -10.19 29.67
CA PHE B 66 12.90 -9.85 28.29
C PHE B 66 13.06 -11.06 27.38
N LEU B 67 11.95 -11.58 26.87
CA LEU B 67 12.00 -12.67 25.90
C LEU B 67 11.99 -12.10 24.49
N VAL B 68 13.12 -12.16 23.81
CA VAL B 68 13.23 -11.60 22.46
C VAL B 68 13.32 -12.72 21.42
N GLN B 69 12.38 -12.72 20.48
CA GLN B 69 12.33 -13.77 19.47
C GLN B 69 12.33 -13.27 18.04
N ALA B 70 13.34 -13.72 17.29
CA ALA B 70 13.46 -13.44 15.87
C ALA B 70 13.14 -14.74 15.11
N GLY B 71 12.00 -14.76 14.44
CA GLY B 71 11.52 -15.98 13.84
C GLY B 71 11.47 -17.05 14.92
N ASN B 72 12.09 -18.20 14.64
CA ASN B 72 12.10 -19.31 15.58
C ASN B 72 13.20 -19.21 16.62
N VAL B 73 13.98 -18.14 16.58
CA VAL B 73 15.18 -18.07 17.41
C VAL B 73 15.04 -17.09 18.57
N GLN B 74 15.42 -17.54 19.76
CA GLN B 74 15.42 -16.65 20.91
C GLN B 74 16.75 -15.90 20.99
N LEU B 75 16.68 -14.57 20.99
CA LEU B 75 17.90 -13.76 21.07
C LEU B 75 18.17 -13.41 22.53
N ARG B 76 19.37 -13.74 23.00
CA ARG B 76 19.74 -13.53 24.40
C ARG B 76 20.04 -12.07 24.63
N VAL B 77 19.31 -11.45 25.56
CA VAL B 77 19.55 -10.05 25.87
C VAL B 77 20.60 -9.90 26.98
N ILE B 78 21.60 -9.08 26.71
CA ILE B 78 22.77 -8.95 27.57
C ILE B 78 22.89 -7.54 28.12
N GLY B 79 21.83 -6.74 27.96
CA GLY B 79 21.81 -5.39 28.47
C GLY B 79 20.49 -4.69 28.18
N HIS B 80 20.17 -3.68 28.99
CA HIS B 80 19.00 -2.86 28.70
C HIS B 80 19.16 -1.44 29.19
N SER B 81 18.41 -0.54 28.57
CA SER B 81 18.30 0.82 29.06
C SER B 81 17.08 1.47 28.44
N MET B 82 16.81 2.69 28.88
CA MET B 82 15.67 3.43 28.39
C MET B 82 16.20 4.68 27.71
N GLN B 83 15.67 4.98 26.53
CA GLN B 83 15.98 6.24 25.87
C GLN B 83 14.66 6.91 25.57
N ASN B 84 14.31 7.92 26.37
CA ASN B 84 13.00 8.55 26.26
C ASN B 84 11.90 7.49 26.38
N CYS B 85 11.04 7.38 25.38
CA CYS B 85 9.93 6.44 25.47
C CYS B 85 10.23 5.06 24.83
N LEU B 86 11.50 4.81 24.51
CA LEU B 86 11.92 3.52 23.98
C LEU B 86 12.75 2.73 24.99
N LEU B 87 12.64 1.41 24.93
CA LEU B 87 13.61 0.52 25.56
C LEU B 87 14.64 0.11 24.52
N ARG B 88 15.91 0.09 24.92
CA ARG B 88 16.98 -0.38 24.05
C ARG B 88 17.59 -1.64 24.65
N LEU B 89 17.32 -2.78 24.02
CA LEU B 89 17.85 -4.05 24.50
C LEU B 89 19.08 -4.43 23.70
N LYS B 90 20.16 -4.73 24.41
CA LYS B 90 21.38 -5.21 23.77
C LYS B 90 21.25 -6.73 23.65
N VAL B 91 21.52 -7.28 22.46
CA VAL B 91 21.45 -8.72 22.30
C VAL B 91 22.80 -9.29 21.84
N ASP B 92 22.98 -10.60 21.99
CA ASP B 92 24.29 -11.20 21.71
C ASP B 92 24.59 -11.43 20.23
N THR B 93 23.61 -11.15 19.37
CA THR B 93 23.76 -11.38 17.93
C THR B 93 23.44 -10.13 17.12
N SER B 94 24.35 -9.73 16.24
CA SER B 94 24.08 -8.60 15.36
C SER B 94 23.18 -9.07 14.22
N ASN B 95 22.11 -8.34 13.94
CA ASN B 95 21.16 -8.78 12.92
C ASN B 95 21.84 -8.90 11.55
N PRO B 96 21.93 -10.13 11.01
CA PRO B 96 22.59 -10.32 9.73
C PRO B 96 21.85 -9.64 8.59
N LYS B 97 20.60 -9.25 8.83
CA LYS B 97 19.76 -8.65 7.80
C LYS B 97 19.68 -7.13 7.95
N THR B 98 20.48 -6.58 8.85
CA THR B 98 20.51 -5.13 9.04
C THR B 98 20.81 -4.39 7.73
N PRO B 99 19.90 -3.50 7.32
CA PRO B 99 20.14 -2.71 6.12
C PRO B 99 20.93 -1.46 6.46
N LYS B 100 21.41 -0.74 5.45
CA LYS B 100 21.88 0.62 5.69
C LYS B 100 20.67 1.38 6.21
N TYR B 101 20.87 2.20 7.23
CA TYR B 101 19.73 2.89 7.81
C TYR B 101 20.15 4.16 8.54
N LYS B 102 19.16 4.98 8.85
CA LYS B 102 19.33 6.12 9.73
C LYS B 102 18.00 6.37 10.40
N PHE B 103 18.04 7.10 11.52
CA PHE B 103 16.84 7.53 12.21
C PHE B 103 16.58 8.99 11.84
N VAL B 104 15.34 9.30 11.47
CA VAL B 104 14.98 10.67 11.15
C VAL B 104 13.67 11.04 11.82
N ARG B 105 13.53 12.31 12.16
CA ARG B 105 12.28 12.81 12.70
C ARG B 105 11.61 13.55 11.56
N ILE B 106 10.45 13.09 11.12
CA ILE B 106 9.79 13.73 9.97
C ILE B 106 8.93 14.88 10.43
N GLN B 107 8.56 15.74 9.49
CA GLN B 107 7.73 16.90 9.82
C GLN B 107 6.26 16.64 9.49
N PRO B 108 5.34 17.38 10.12
CA PRO B 108 3.94 17.17 9.77
C PRO B 108 3.69 17.33 8.27
N GLY B 109 2.78 16.54 7.74
CA GLY B 109 2.48 16.57 6.32
C GLY B 109 3.24 15.50 5.55
N GLN B 110 4.42 15.13 6.03
CA GLN B 110 5.27 14.20 5.29
C GLN B 110 4.76 12.76 5.39
N THR B 111 5.08 11.96 4.37
CA THR B 111 4.56 10.60 4.32
C THR B 111 5.61 9.56 4.62
N PHE B 112 5.14 8.37 4.98
CA PHE B 112 6.01 7.22 5.16
C PHE B 112 5.19 5.94 5.02
N SER B 113 5.89 4.82 4.84
CA SER B 113 5.23 3.53 4.82
C SER B 113 5.24 2.91 6.22
N VAL B 114 4.13 2.27 6.60
CA VAL B 114 4.04 1.54 7.84
C VAL B 114 3.98 0.04 7.59
N LEU B 115 4.88 -0.69 8.23
CA LEU B 115 4.80 -2.16 8.25
C LEU B 115 4.09 -2.60 9.52
N ALA B 116 2.81 -2.92 9.38
CA ALA B 116 2.01 -3.40 10.49
C ALA B 116 2.50 -4.78 10.87
N CYS B 117 2.74 -4.99 12.16
CA CYS B 117 3.31 -6.26 12.65
C CYS B 117 2.62 -6.70 13.92
N TYR B 118 2.63 -8.01 14.14
CA TYR B 118 1.98 -8.63 15.28
C TYR B 118 2.80 -9.87 15.67
N ASN B 119 3.17 -9.96 16.95
CA ASN B 119 3.99 -11.07 17.43
C ASN B 119 5.31 -11.17 16.66
N GLY B 120 5.81 -10.03 16.19
CA GLY B 120 7.04 -9.99 15.43
C GLY B 120 6.92 -10.41 13.98
N SER B 121 5.72 -10.73 13.54
CA SER B 121 5.52 -11.10 12.14
C SER B 121 4.79 -10.02 11.35
N PRO B 122 5.44 -9.54 10.28
CA PRO B 122 4.84 -8.49 9.44
C PRO B 122 3.51 -8.98 8.87
N SER B 123 2.48 -8.17 8.98
CA SER B 123 1.15 -8.51 8.49
C SER B 123 0.72 -7.74 7.23
N GLY B 124 1.18 -6.49 7.07
CA GLY B 124 0.71 -5.69 5.97
C GLY B 124 1.49 -4.39 5.88
N VAL B 125 1.46 -3.76 4.71
CA VAL B 125 2.17 -2.51 4.52
C VAL B 125 1.25 -1.49 3.84
N TYR B 126 1.32 -0.25 4.31
CA TYR B 126 0.54 0.83 3.73
C TYR B 126 1.27 2.16 3.89
N GLN B 127 0.92 3.11 3.04
CA GLN B 127 1.52 4.43 3.05
C GLN B 127 0.59 5.34 3.82
N CYS B 128 1.13 6.28 4.58
CA CYS B 128 0.28 7.26 5.23
C CYS B 128 1.03 8.56 5.40
N ALA B 129 0.35 9.58 5.90
CA ALA B 129 0.98 10.87 6.16
C ALA B 129 0.91 11.18 7.64
N MET B 130 1.95 11.81 8.17
CA MET B 130 1.89 12.44 9.48
C MET B 130 0.93 13.61 9.35
N ARG B 131 -0.16 13.61 10.11
CA ARG B 131 -1.15 14.67 9.98
C ARG B 131 -0.64 15.97 10.60
N PRO B 132 -1.20 17.12 10.17
CA PRO B 132 -0.85 18.40 10.80
C PRO B 132 -1.05 18.35 12.31
N ASN B 133 -2.02 17.57 12.79
CA ASN B 133 -2.20 17.46 14.24
C ASN B 133 -1.34 16.37 14.91
N HIS B 134 -0.31 15.90 14.22
CA HIS B 134 0.72 15.02 14.82
C HIS B 134 0.24 13.60 15.15
N THR B 135 -0.87 13.20 14.54
CA THR B 135 -1.33 11.82 14.61
C THR B 135 -1.20 11.20 13.23
N ILE B 136 -1.31 9.88 13.12
CA ILE B 136 -1.45 9.28 11.80
C ILE B 136 -2.78 8.54 11.77
N LYS B 137 -3.45 8.56 10.62
CA LYS B 137 -4.67 7.78 10.44
C LYS B 137 -4.24 6.41 9.97
N GLY B 138 -3.96 5.55 10.92
CA GLY B 138 -3.39 4.25 10.61
C GLY B 138 -4.45 3.17 10.70
N SER B 139 -3.99 1.92 10.59
CA SER B 139 -4.83 0.75 10.80
C SER B 139 -4.03 -0.17 11.69
N PHE B 140 -4.42 -0.24 12.96
CA PHE B 140 -3.66 -0.96 13.99
C PHE B 140 -4.59 -1.67 14.96
N LEU B 141 -4.21 -2.87 15.36
CA LEU B 141 -4.97 -3.65 16.34
C LEU B 141 -4.12 -3.90 17.59
N ASN B 142 -4.72 -4.55 18.59
CA ASN B 142 -3.97 -4.97 19.77
C ASN B 142 -2.72 -5.74 19.32
N GLY B 143 -1.58 -5.45 19.95
CA GLY B 143 -0.35 -6.16 19.64
C GLY B 143 0.50 -5.50 18.56
N SER B 144 -0.01 -4.40 18.00
CA SER B 144 0.70 -3.71 16.92
C SER B 144 1.83 -2.78 17.38
N CYS B 145 1.88 -2.46 18.67
CA CYS B 145 2.94 -1.53 19.18
C CYS B 145 4.32 -2.01 18.80
N GLY B 146 5.23 -1.08 18.51
CA GLY B 146 6.55 -1.45 18.02
C GLY B 146 6.64 -1.52 16.48
N SER B 147 5.50 -1.62 15.80
CA SER B 147 5.49 -1.48 14.32
C SER B 147 6.14 -0.15 13.92
N VAL B 148 6.88 -0.12 12.80
CA VAL B 148 7.60 1.10 12.42
C VAL B 148 7.18 1.72 11.07
N GLY B 149 7.41 3.02 10.94
CA GLY B 149 7.23 3.73 9.68
C GLY B 149 8.60 4.14 9.15
N PHE B 150 8.71 4.24 7.83
CA PHE B 150 10.00 4.42 7.20
C PHE B 150 9.87 4.94 5.77
N ASN B 151 10.93 5.56 5.31
CA ASN B 151 11.13 5.83 3.90
C ASN B 151 12.40 5.11 3.45
N ILE B 152 12.56 4.94 2.15
CA ILE B 152 13.78 4.38 1.60
C ILE B 152 14.35 5.34 0.57
N ASP B 153 15.67 5.53 0.61
CA ASP B 153 16.40 6.36 -0.35
C ASP B 153 17.54 5.52 -0.88
N TYR B 154 17.51 5.23 -2.18
CA TYR B 154 18.50 4.33 -2.76
C TYR B 154 18.47 2.99 -2.02
N ASP B 155 19.46 2.78 -1.16
CA ASP B 155 19.59 1.55 -0.40
C ASP B 155 19.43 1.78 1.09
N CYS B 156 19.10 3.02 1.48
CA CYS B 156 19.09 3.40 2.89
C CYS B 156 17.67 3.53 3.45
N VAL B 157 17.39 2.77 4.50
CA VAL B 157 16.12 2.89 5.20
C VAL B 157 16.20 4.01 6.23
N SER B 158 15.35 5.02 6.06
CA SER B 158 15.19 6.06 7.07
C SER B 158 13.98 5.73 7.94
N PHE B 159 14.22 5.23 9.14
CA PHE B 159 13.15 4.96 10.09
C PHE B 159 12.65 6.25 10.71
N CYS B 160 11.35 6.47 10.74
CA CYS B 160 10.84 7.74 11.26
C CYS B 160 9.75 7.62 12.31
N TYR B 161 9.22 6.42 12.50
CA TYR B 161 8.07 6.25 13.37
C TYR B 161 8.07 4.89 14.04
N MET B 162 7.72 4.87 15.33
CA MET B 162 7.42 3.63 16.02
C MET B 162 6.10 3.80 16.76
N HIS B 163 5.25 2.79 16.63
CA HIS B 163 3.87 2.92 17.07
C HIS B 163 3.70 2.65 18.57
N HIS B 164 3.00 3.54 19.27
CA HIS B 164 2.78 3.37 20.71
C HIS B 164 1.32 3.27 21.14
N MET B 165 0.43 4.03 20.50
CA MET B 165 -0.93 4.05 21.03
C MET B 165 -2.02 4.52 20.08
N GLU B 166 -3.26 4.21 20.47
CA GLU B 166 -4.44 4.63 19.75
C GLU B 166 -5.28 5.61 20.57
N LEU B 167 -5.64 6.73 19.96
CA LEU B 167 -6.42 7.76 20.65
C LEU B 167 -7.92 7.50 20.46
N PRO B 168 -8.75 8.10 21.32
CA PRO B 168 -10.20 7.89 21.33
C PRO B 168 -10.86 8.02 19.96
N THR B 169 -10.32 8.87 19.09
CA THR B 169 -10.92 9.02 17.76
C THR B 169 -10.48 7.92 16.77
N GLY B 170 -9.66 6.98 17.23
CA GLY B 170 -9.25 5.87 16.40
C GLY B 170 -8.03 6.19 15.53
N VAL B 171 -7.39 7.31 15.83
CA VAL B 171 -6.14 7.66 15.17
C VAL B 171 -4.98 7.29 16.08
N HIS B 172 -3.77 7.45 15.57
CA HIS B 172 -2.61 6.82 16.18
C HIS B 172 -1.49 7.79 16.47
N ALA B 173 -0.75 7.48 17.53
CA ALA B 173 0.33 8.33 17.99
C ALA B 173 1.53 7.47 18.32
N GLY B 174 2.72 8.05 18.16
CA GLY B 174 3.94 7.32 18.46
C GLY B 174 5.15 8.21 18.47
N THR B 175 6.33 7.61 18.42
CA THR B 175 7.58 8.34 18.57
C THR B 175 8.44 8.24 17.31
N ASP B 176 9.47 9.08 17.24
CA ASP B 176 10.59 8.85 16.31
C ASP B 176 11.45 7.72 16.94
N LEU B 177 12.56 7.39 16.30
CA LEU B 177 13.38 6.27 16.78
C LEU B 177 14.39 6.67 17.85
N GLU B 178 14.22 7.88 18.37
CA GLU B 178 14.91 8.30 19.58
C GLU B 178 13.95 8.27 20.76
N GLY B 179 12.71 7.84 20.49
CA GLY B 179 11.73 7.67 21.56
C GLY B 179 11.01 8.95 21.96
N LYS B 180 11.13 9.99 21.14
CA LYS B 180 10.43 11.25 21.40
C LYS B 180 9.12 11.30 20.62
N PHE B 181 8.03 11.48 21.34
CA PHE B 181 6.70 11.51 20.71
C PHE B 181 6.56 12.60 19.66
N TYR B 182 5.76 12.31 18.65
CA TYR B 182 5.24 13.33 17.76
C TYR B 182 3.98 13.87 18.43
N GLY B 183 3.84 15.18 18.50
CA GLY B 183 2.69 15.76 19.16
C GLY B 183 2.94 15.80 20.67
N PRO B 184 1.93 16.24 21.44
CA PRO B 184 2.10 16.39 22.90
C PRO B 184 1.77 15.12 23.67
N PHE B 185 1.50 14.03 22.97
CA PHE B 185 1.06 12.80 23.63
C PHE B 185 2.12 12.17 24.54
N VAL B 186 1.64 11.38 25.49
CA VAL B 186 2.50 10.71 26.47
C VAL B 186 2.10 9.22 26.56
N ASP B 187 3.05 8.35 26.86
CA ASP B 187 2.75 6.92 26.89
C ASP B 187 2.21 6.45 28.23
N ARG B 188 0.99 6.88 28.52
CA ARG B 188 0.20 6.32 29.62
C ARG B 188 -1.26 6.28 29.20
N GLN B 189 -1.99 5.31 29.71
CA GLN B 189 -3.41 5.20 29.39
C GLN B 189 -4.22 6.20 30.21
N THR B 190 -3.99 7.48 29.94
CA THR B 190 -4.77 8.56 30.53
C THR B 190 -5.76 9.08 29.49
N ALA B 191 -6.36 10.22 29.75
CA ALA B 191 -7.29 10.82 28.81
C ALA B 191 -6.54 11.84 27.96
N GLN B 192 -6.34 11.51 26.69
CA GLN B 192 -5.67 12.40 25.76
C GLN B 192 -6.53 12.47 24.52
N ALA B 193 -6.40 13.55 23.75
CA ALA B 193 -7.19 13.66 22.52
C ALA B 193 -6.40 14.29 21.39
N ALA B 194 -6.65 13.83 20.17
CA ALA B 194 -6.11 14.53 19.00
C ALA B 194 -6.75 15.91 18.90
N GLY B 195 -5.95 16.90 18.52
CA GLY B 195 -6.49 18.23 18.26
C GLY B 195 -7.22 18.25 16.92
N THR B 196 -7.88 19.36 16.61
CA THR B 196 -8.48 19.53 15.31
C THR B 196 -7.40 19.39 14.23
N ASP B 197 -7.76 18.79 13.10
CA ASP B 197 -6.78 18.56 12.04
C ASP B 197 -7.15 19.35 10.79
N THR B 198 -6.16 19.55 9.91
CA THR B 198 -6.35 20.35 8.71
C THR B 198 -5.89 19.58 7.50
N THR B 199 -6.30 20.03 6.33
CA THR B 199 -5.90 19.38 5.08
C THR B 199 -4.50 19.86 4.73
N ILE B 200 -3.65 18.95 4.24
CA ILE B 200 -2.27 19.29 3.96
C ILE B 200 -2.14 19.95 2.60
N THR B 201 -2.24 21.27 2.61
CA THR B 201 -2.26 22.09 1.38
C THR B 201 -1.08 21.79 0.47
N LEU B 202 0.10 21.68 1.05
CA LEU B 202 1.31 21.40 0.29
C LEU B 202 1.15 20.14 -0.57
N ASN B 203 0.57 19.11 0.02
CA ASN B 203 0.40 17.81 -0.64
C ASN B 203 -0.71 17.86 -1.69
N VAL B 204 -1.80 18.56 -1.39
CA VAL B 204 -2.84 18.74 -2.40
C VAL B 204 -2.26 19.40 -3.64
N LEU B 205 -1.46 20.44 -3.45
CA LEU B 205 -0.80 21.10 -4.58
C LEU B 205 0.10 20.13 -5.30
N ALA B 206 0.88 19.34 -4.56
CA ALA B 206 1.79 18.40 -5.20
C ALA B 206 0.99 17.47 -6.10
N TRP B 207 -0.15 17.04 -5.58
CA TRP B 207 -1.01 16.07 -6.25
C TRP B 207 -1.66 16.66 -7.53
N LEU B 208 -2.07 17.92 -7.43
CA LEU B 208 -2.51 18.67 -8.62
C LEU B 208 -1.41 18.71 -9.69
N TYR B 209 -0.16 18.93 -9.28
CA TYR B 209 0.97 18.85 -10.22
C TYR B 209 1.11 17.45 -10.81
N ALA B 210 0.94 16.43 -9.98
CA ALA B 210 1.04 15.04 -10.46
C ALA B 210 -0.04 14.83 -11.53
N ALA B 211 -1.22 15.36 -11.27
CA ALA B 211 -2.31 15.23 -12.23
C ALA B 211 -1.93 15.86 -13.58
N VAL B 212 -1.43 17.09 -13.54
CA VAL B 212 -0.98 17.78 -14.74
C VAL B 212 0.10 16.97 -15.47
N ILE B 213 1.04 16.44 -14.71
CA ILE B 213 2.10 15.63 -15.29
C ILE B 213 1.50 14.44 -16.02
N ASN B 214 0.42 13.88 -15.46
CA ASN B 214 -0.28 12.75 -16.08
C ASN B 214 -1.36 13.12 -17.13
N GLY B 215 -1.42 14.40 -17.51
CA GLY B 215 -2.31 14.82 -18.59
C GLY B 215 -3.69 15.25 -18.15
N ASP B 216 -3.91 15.30 -16.85
CA ASP B 216 -5.16 15.76 -16.29
C ASP B 216 -5.01 17.24 -15.92
N ARG B 217 -5.55 18.13 -16.76
CA ARG B 217 -5.26 19.55 -16.63
C ARG B 217 -6.48 20.45 -16.83
N TRP B 218 -7.67 19.86 -16.87
CA TRP B 218 -8.89 20.63 -17.07
C TRP B 218 -9.08 21.76 -16.05
N PHE B 219 -8.49 21.62 -14.86
CA PHE B 219 -8.71 22.57 -13.78
C PHE B 219 -7.80 23.80 -13.85
N LEU B 220 -6.79 23.79 -14.70
CA LEU B 220 -5.91 24.95 -14.78
C LEU B 220 -6.70 26.16 -15.30
N ASN B 221 -6.28 27.37 -14.93
CA ASN B 221 -6.88 28.57 -15.51
C ASN B 221 -5.83 29.64 -15.83
N ARG B 222 -6.27 30.77 -16.36
CA ARG B 222 -5.34 31.80 -16.82
C ARG B 222 -5.05 32.86 -15.76
N PHE B 223 -5.46 32.60 -14.52
CA PHE B 223 -5.31 33.57 -13.44
C PHE B 223 -4.25 33.19 -12.40
N THR B 224 -4.00 34.10 -11.47
CA THR B 224 -3.07 33.84 -10.39
C THR B 224 -3.62 34.49 -9.12
N THR B 225 -2.95 34.27 -7.99
CA THR B 225 -3.41 34.82 -6.73
C THR B 225 -2.20 35.23 -5.92
N THR B 226 -2.38 36.12 -4.95
CA THR B 226 -1.30 36.35 -3.99
C THR B 226 -1.38 35.24 -2.97
N LEU B 227 -0.29 35.03 -2.24
CA LEU B 227 -0.25 34.01 -1.21
C LEU B 227 -1.29 34.30 -0.14
N ASN B 228 -1.39 35.56 0.26
CA ASN B 228 -2.36 35.98 1.27
C ASN B 228 -3.82 35.76 0.84
N ASP B 229 -4.14 36.11 -0.40
CA ASP B 229 -5.49 35.91 -0.91
C ASP B 229 -5.82 34.42 -0.98
N PHE B 230 -4.82 33.61 -1.33
CA PHE B 230 -5.02 32.16 -1.31
C PHE B 230 -5.32 31.66 0.10
N ASN B 231 -4.49 32.08 1.07
CA ASN B 231 -4.70 31.63 2.44
C ASN B 231 -6.04 32.04 3.05
N LEU B 232 -6.54 33.21 2.64
CA LEU B 232 -7.84 33.68 3.10
C LEU B 232 -8.94 32.72 2.67
N VAL B 233 -8.85 32.23 1.43
CA VAL B 233 -9.83 31.29 0.92
C VAL B 233 -9.62 29.88 1.46
N ALA B 234 -8.40 29.39 1.40
CA ALA B 234 -8.11 28.01 1.77
C ALA B 234 -8.45 27.72 3.23
N MET B 235 -8.15 28.66 4.11
CA MET B 235 -8.41 28.49 5.53
C MET B 235 -9.89 28.35 5.86
N LYS B 236 -10.76 28.94 5.03
CA LYS B 236 -12.19 28.70 5.18
C LYS B 236 -12.57 27.26 4.93
N TYR B 237 -11.76 26.57 4.12
CA TYR B 237 -11.99 25.16 3.82
C TYR B 237 -11.18 24.21 4.70
N ASN B 238 -10.61 24.75 5.77
CA ASN B 238 -9.85 23.95 6.74
C ASN B 238 -8.57 23.37 6.11
N TYR B 239 -7.96 24.15 5.23
CA TYR B 239 -6.65 23.84 4.67
C TYR B 239 -5.56 24.49 5.54
N GLU B 240 -4.43 23.82 5.70
CA GLU B 240 -3.25 24.41 6.33
C GLU B 240 -2.87 25.71 5.61
N PRO B 241 -2.44 26.72 6.36
CA PRO B 241 -1.90 27.93 5.72
C PRO B 241 -0.70 27.55 4.87
N LEU B 242 -0.62 28.11 3.66
CA LEU B 242 0.53 27.88 2.78
C LEU B 242 1.58 28.93 3.08
N THR B 243 2.81 28.49 3.27
CA THR B 243 3.90 29.42 3.56
C THR B 243 4.79 29.59 2.33
N GLN B 244 5.66 30.59 2.36
CA GLN B 244 6.65 30.74 1.30
C GLN B 244 7.58 29.53 1.26
N ASP B 245 7.82 28.92 2.42
CA ASP B 245 8.64 27.73 2.41
C ASP B 245 7.99 26.61 1.60
N HIS B 246 6.68 26.45 1.75
CA HIS B 246 5.96 25.43 0.99
C HIS B 246 6.03 25.73 -0.50
N VAL B 247 5.92 27.02 -0.84
CA VAL B 247 5.98 27.44 -2.24
C VAL B 247 7.32 27.01 -2.84
N ASP B 248 8.40 27.20 -2.08
CA ASP B 248 9.72 26.79 -2.55
C ASP B 248 9.88 25.28 -2.70
N ILE B 249 9.29 24.53 -1.78
CA ILE B 249 9.35 23.08 -1.82
C ILE B 249 8.70 22.56 -3.11
N LEU B 250 7.73 23.30 -3.63
CA LEU B 250 7.06 22.96 -4.89
C LEU B 250 7.80 23.45 -6.14
N GLY B 251 8.95 24.08 -5.94
CA GLY B 251 9.76 24.61 -7.04
C GLY B 251 10.06 23.62 -8.13
N PRO B 252 10.58 22.44 -7.78
CA PRO B 252 10.88 21.45 -8.83
C PRO B 252 9.64 21.04 -9.65
N LEU B 253 8.50 20.81 -9.02
CA LEU B 253 7.29 20.48 -9.79
C LEU B 253 6.77 21.66 -10.62
N SER B 254 6.87 22.87 -10.06
CA SER B 254 6.53 24.09 -10.79
C SER B 254 7.38 24.22 -12.06
N ALA B 255 8.69 23.98 -11.94
CA ALA B 255 9.61 24.07 -13.07
C ALA B 255 9.31 22.98 -14.11
N GLN B 256 9.05 21.76 -13.66
CA GLN B 256 8.79 20.67 -14.57
C GLN B 256 7.59 20.97 -15.47
N THR B 257 6.55 21.54 -14.88
CA THR B 257 5.29 21.76 -15.59
C THR B 257 5.17 23.18 -16.15
N GLY B 258 6.08 24.06 -15.75
CA GLY B 258 6.00 25.46 -16.13
C GLY B 258 4.79 26.19 -15.57
N ILE B 259 4.23 25.65 -14.49
CA ILE B 259 3.10 26.30 -13.86
C ILE B 259 3.50 26.86 -12.51
N ALA B 260 3.53 28.18 -12.40
CA ALA B 260 3.93 28.84 -11.15
C ALA B 260 3.02 28.40 -10.01
N VAL B 261 3.60 28.26 -8.82
CA VAL B 261 2.83 27.79 -7.68
C VAL B 261 1.57 28.63 -7.44
N LEU B 262 1.69 29.95 -7.51
CA LEU B 262 0.54 30.80 -7.24
C LEU B 262 -0.49 30.64 -8.35
N ASP B 263 -0.04 30.28 -9.56
CA ASP B 263 -0.99 29.98 -10.64
C ASP B 263 -1.76 28.69 -10.33
N MET B 264 -1.08 27.69 -9.80
CA MET B 264 -1.77 26.48 -9.31
C MET B 264 -2.71 26.80 -8.13
N CYS B 265 -2.30 27.70 -7.25
CA CYS B 265 -3.15 28.07 -6.11
C CYS B 265 -4.45 28.70 -6.59
N ALA B 266 -4.40 29.46 -7.68
CA ALA B 266 -5.60 30.04 -8.23
C ALA B 266 -6.53 28.92 -8.70
N ALA B 267 -5.96 27.89 -9.32
CA ALA B 267 -6.73 26.72 -9.75
C ALA B 267 -7.38 26.02 -8.56
N LEU B 268 -6.63 25.84 -7.48
CA LEU B 268 -7.13 25.16 -6.29
C LEU B 268 -8.23 25.98 -5.64
N LYS B 269 -8.05 27.30 -5.60
CA LYS B 269 -9.06 28.18 -5.03
C LYS B 269 -10.39 27.95 -5.73
N GLU B 270 -10.34 27.92 -7.07
CA GLU B 270 -11.56 27.76 -7.87
C GLU B 270 -12.16 26.36 -7.66
N LEU B 271 -11.31 25.36 -7.46
CA LEU B 271 -11.81 24.02 -7.12
C LEU B 271 -12.50 23.96 -5.76
N LEU B 272 -11.96 24.67 -4.79
CA LEU B 272 -12.53 24.67 -3.46
C LEU B 272 -13.89 25.39 -3.46
N GLN B 273 -13.92 26.57 -4.09
CA GLN B 273 -15.13 27.38 -4.11
C GLN B 273 -16.22 26.82 -5.04
N ASN B 274 -15.83 26.08 -6.07
CA ASN B 274 -16.78 25.61 -7.08
C ASN B 274 -17.02 24.11 -7.11
N GLY B 275 -16.19 23.35 -6.40
CA GLY B 275 -16.27 21.90 -6.48
C GLY B 275 -15.78 21.42 -7.83
N MET B 276 -16.05 20.16 -8.16
CA MET B 276 -15.48 19.57 -9.38
C MET B 276 -16.41 19.57 -10.59
N ASN B 277 -17.70 19.83 -10.36
CA ASN B 277 -18.65 19.93 -11.46
C ASN B 277 -18.84 18.63 -12.24
N GLY B 278 -18.59 17.50 -11.59
CA GLY B 278 -18.79 16.21 -12.24
C GLY B 278 -17.53 15.50 -12.68
N ARG B 279 -16.44 16.24 -12.87
CA ARG B 279 -15.20 15.65 -13.37
C ARG B 279 -14.38 14.99 -12.26
N THR B 280 -13.34 14.26 -12.64
CA THR B 280 -12.40 13.70 -11.67
C THR B 280 -10.99 14.22 -11.93
N ILE B 281 -10.10 14.04 -10.96
CA ILE B 281 -8.72 14.40 -11.10
C ILE B 281 -7.90 13.19 -10.69
N LEU B 282 -7.08 12.69 -11.62
CA LEU B 282 -6.42 11.40 -11.44
C LEU B 282 -7.42 10.35 -10.98
N GLY B 283 -8.62 10.37 -11.57
CA GLY B 283 -9.65 9.41 -11.25
C GLY B 283 -10.35 9.60 -9.91
N SER B 284 -9.87 10.54 -9.10
CA SER B 284 -10.49 10.79 -7.79
C SER B 284 -11.52 11.91 -7.85
N THR B 285 -12.57 11.79 -7.04
CA THR B 285 -13.59 12.83 -6.93
C THR B 285 -13.24 13.84 -5.83
N ILE B 286 -12.19 13.55 -5.07
CA ILE B 286 -11.77 14.44 -3.98
C ILE B 286 -10.31 14.86 -4.10
N LEU B 287 -9.93 15.89 -3.37
CA LEU B 287 -8.56 16.39 -3.43
C LEU B 287 -7.66 15.66 -2.43
N GLU B 288 -6.78 14.81 -2.96
CA GLU B 288 -5.92 13.93 -2.17
C GLU B 288 -4.82 14.71 -1.45
N ASP B 289 -4.62 14.46 -0.16
CA ASP B 289 -3.57 15.18 0.58
C ASP B 289 -2.49 14.30 1.23
N GLU B 290 -2.37 13.03 0.81
CA GLU B 290 -1.29 12.21 1.36
C GLU B 290 -0.22 11.77 0.33
N PHE B 291 0.04 12.62 -0.66
CA PHE B 291 1.19 12.51 -1.56
C PHE B 291 2.03 13.78 -1.44
N THR B 292 3.30 13.67 -1.04
CA THR B 292 4.15 14.85 -0.91
C THR B 292 4.75 15.22 -2.28
N PRO B 293 5.34 16.41 -2.41
CA PRO B 293 6.06 16.73 -3.64
C PRO B 293 7.07 15.64 -3.97
N PHE B 294 7.72 15.10 -2.93
CA PHE B 294 8.73 14.10 -3.17
C PHE B 294 8.13 12.79 -3.64
N ASP B 295 6.98 12.43 -3.11
CA ASP B 295 6.28 11.23 -3.56
C ASP B 295 5.99 11.33 -5.06
N VAL B 296 5.56 12.52 -5.48
CA VAL B 296 5.19 12.75 -6.86
C VAL B 296 6.37 12.57 -7.81
N VAL B 297 7.48 13.20 -7.47
CA VAL B 297 8.70 13.08 -8.27
C VAL B 297 9.14 11.63 -8.34
N ARG B 298 9.25 11.02 -7.17
CA ARG B 298 9.66 9.62 -7.08
C ARG B 298 8.81 8.72 -7.96
N GLN B 299 7.50 8.89 -7.90
CA GLN B 299 6.60 8.03 -8.66
C GLN B 299 6.61 8.35 -10.17
N CYS B 300 6.55 9.62 -10.52
CA CYS B 300 6.47 9.99 -11.94
C CYS B 300 7.80 9.77 -12.68
N SER B 301 8.88 9.55 -11.92
CA SER B 301 10.19 9.31 -12.52
C SER B 301 10.63 7.84 -12.52
N GLY B 302 9.80 6.97 -11.94
CA GLY B 302 10.10 5.54 -11.91
C GLY B 302 11.28 5.15 -11.04
N VAL B 303 11.57 5.94 -10.01
CA VAL B 303 12.67 5.64 -9.09
C VAL B 303 12.53 4.25 -8.48
N THR B 304 13.64 3.49 -8.46
CA THR B 304 13.65 2.17 -7.83
C THR B 304 14.63 2.15 -6.66
N PHE B 305 14.70 1.03 -5.96
CA PHE B 305 15.56 0.91 -4.79
C PHE B 305 16.41 -0.36 -4.82
N GLN B 306 17.66 -0.24 -4.34
CA GLN B 306 18.58 -1.38 -4.32
C GLN B 306 18.88 -1.83 -2.91
N ALA C 2 -3.43 -1.02 -27.38
CA ALA C 2 -2.71 -1.88 -26.45
C ALA C 2 -1.22 -1.68 -26.57
N VAL C 3 -0.52 -1.65 -25.44
CA VAL C 3 0.93 -1.47 -25.44
C VAL C 3 1.59 -2.51 -24.56
N LEU C 4 2.51 -3.29 -25.11
CA LEU C 4 3.18 -4.30 -24.30
C LEU C 4 4.19 -3.67 -23.37
N ALA D 2 -6.98 7.08 25.68
CA ALA D 2 -5.63 6.67 25.31
C ALA D 2 -5.43 5.23 25.64
N VAL D 3 -5.01 4.46 24.64
CA VAL D 3 -4.78 3.02 24.81
C VAL D 3 -3.44 2.61 24.28
N LEU D 4 -2.54 2.12 25.14
CA LEU D 4 -1.25 1.72 24.59
C LEU D 4 -1.46 0.45 23.80
#